data_7YYP
#
_entry.id   7YYP
#
_cell.length_a   70.420
_cell.length_b   70.720
_cell.length_c   74.260
_cell.angle_alpha   90.000
_cell.angle_beta   110.060
_cell.angle_gamma   90.000
#
_symmetry.space_group_name_H-M   'P 1 21 1'
#
loop_
_entity.id
_entity.type
_entity.pdbx_description
1 polymer 'Probable translation initiation factor IF-2'
2 non-polymer "GUANOSINE-5'-DIPHOSPHATE"
3 non-polymer 'NITRATE ION'
4 water water
#
_entity_poly.entity_id   1
_entity_poly.type   'polypeptide(L)'
_entity_poly.pdbx_seq_one_letter_code
;GSSHHHHHHSSGLVPRGSHMTKRIRQPIIAVLGHVDHGKTTLLDRIRKTNVAAKEAGGITQHIGATEVPIEVVKKIAGPL
IKLWKAEIKLPGLLFIDTPGHEAFTSLRARGGSLADLAVLVVDINEGFQPQTIESIEILRKYRTPFVVAANKIDRIKGWV
IEEDEPFLMNIKKQDQRAVQELETKLWELIGKFYEFGFQANRFDRVQNFTRELAIVPISAKYGIGIAELLVLIAGLSQRY
LEEKLKIEVEGPARGTILEVREEPGLGHTIDVIIYDGTLHKDDTIVVGGKDKAIVTKIRALLKPKPLDEIRDPRFRFDYV
DEVTAAAGVKIAAPGLEEALAGSPVIAAPTPEDVEKAKQEILEQIERVVISTDKVGVIVKADTLGSLEALSKELQEKEIP
IRKADVGNVSKTDVMEALSVKEEEPKYGVILGFNVKVNEDAEEVAKAKDVKIFVGNVIYKLIEDYEEWVKEEEEKKKREL
LSKVTFPGVIRLYPDERYVFRRSNPAIVGIEVIEGRIKPGVTLIKQNGQKVGVIRSIKSRDEFLQEAKKGQAVAIAIEGA
IVGRHIHPGETLYVDLSRDDAITLLKHLRDTLEDTDIKALKMIAKVKAKEDPFWRAI
;
_entity_poly.pdbx_strand_id   A
#
# COMPACT_ATOMS: atom_id res chain seq x y z
N THR A 21 -21.91 23.98 -32.34
CA THR A 21 -21.48 22.86 -31.51
C THR A 21 -20.08 23.11 -30.97
N LYS A 22 -19.68 22.32 -29.97
CA LYS A 22 -18.46 22.60 -29.24
C LYS A 22 -17.23 22.27 -30.07
N ARG A 23 -16.19 23.10 -29.92
CA ARG A 23 -14.92 22.89 -30.62
C ARG A 23 -13.99 21.98 -29.81
N ILE A 24 -13.71 22.36 -28.57
CA ILE A 24 -12.75 21.65 -27.73
C ILE A 24 -13.35 21.48 -26.35
N ARG A 25 -13.11 20.34 -25.72
CA ARG A 25 -13.62 20.08 -24.38
C ARG A 25 -12.67 20.70 -23.35
N GLN A 26 -12.96 20.47 -22.07
CA GLN A 26 -12.09 20.89 -20.98
C GLN A 26 -11.29 19.72 -20.45
N PRO A 27 -10.06 19.97 -20.02
CA PRO A 27 -9.24 18.88 -19.46
C PRO A 27 -9.78 18.41 -18.13
N ILE A 28 -9.62 17.11 -17.87
CA ILE A 28 -10.06 16.50 -16.62
C ILE A 28 -8.88 16.50 -15.66
N ILE A 29 -8.98 17.28 -14.59
CA ILE A 29 -7.88 17.44 -13.63
C ILE A 29 -8.17 16.63 -12.39
N ALA A 30 -7.18 15.87 -11.93
CA ALA A 30 -7.24 15.14 -10.68
C ALA A 30 -6.23 15.72 -9.69
N VAL A 31 -6.45 15.42 -8.40
CA VAL A 31 -5.61 15.95 -7.33
C VAL A 31 -5.00 14.77 -6.58
N LEU A 32 -3.68 14.76 -6.49
CA LEU A 32 -2.93 13.73 -5.78
C LEU A 32 -2.13 14.36 -4.66
N GLY A 33 -1.70 13.52 -3.73
CA GLY A 33 -0.88 13.98 -2.62
C GLY A 33 -1.08 13.10 -1.40
N HIS A 34 -0.16 13.25 -0.44
CA HIS A 34 -0.21 12.47 0.78
C HIS A 34 -1.38 12.92 1.67
N VAL A 35 -1.84 12.00 2.51
CA VAL A 35 -3.01 12.28 3.35
C VAL A 35 -2.71 13.43 4.30
N ASP A 36 -3.71 14.29 4.50
CA ASP A 36 -3.68 15.49 5.33
C ASP A 36 -2.80 16.60 4.77
N HIS A 37 -2.18 16.42 3.60
CA HIS A 37 -1.39 17.49 3.02
C HIS A 37 -2.24 18.60 2.43
N GLY A 38 -3.53 18.36 2.22
CA GLY A 38 -4.43 19.41 1.78
C GLY A 38 -5.08 19.17 0.43
N LYS A 39 -5.37 17.91 0.11
CA LYS A 39 -6.03 17.60 -1.16
C LYS A 39 -7.43 18.20 -1.20
N THR A 40 -8.30 17.77 -0.26
CA THR A 40 -9.68 18.22 -0.27
C THR A 40 -9.81 19.71 0.03
N THR A 41 -8.87 20.26 0.82
CA THR A 41 -8.91 21.70 1.10
C THR A 41 -8.69 22.51 -0.18
N LEU A 42 -7.73 22.10 -1.01
CA LEU A 42 -7.45 22.80 -2.24
C LEU A 42 -8.64 22.72 -3.20
N LEU A 43 -9.23 21.53 -3.33
CA LEU A 43 -10.45 21.41 -4.12
C LEU A 43 -11.55 22.31 -3.60
N ASP A 44 -11.67 22.41 -2.27
CA ASP A 44 -12.68 23.30 -1.69
C ASP A 44 -12.37 24.76 -2.01
N ARG A 45 -11.09 25.12 -2.02
CA ARG A 45 -10.73 26.51 -2.33
C ARG A 45 -11.05 26.88 -3.77
N ILE A 46 -10.95 25.91 -4.68
CA ILE A 46 -11.22 26.19 -6.08
C ILE A 46 -12.72 26.34 -6.33
N ARG A 47 -13.55 25.61 -5.59
CA ARG A 47 -14.99 25.83 -5.69
C ARG A 47 -15.38 27.19 -5.12
N LYS A 48 -14.61 27.69 -4.15
CA LYS A 48 -14.90 29.00 -3.58
C LYS A 48 -14.54 30.12 -4.55
N THR A 49 -13.41 29.99 -5.25
CA THR A 49 -13.04 30.99 -6.24
C THR A 49 -14.00 30.98 -7.43
N ASN A 50 -14.81 29.93 -7.56
CA ASN A 50 -15.86 29.91 -8.58
C ASN A 50 -16.94 30.94 -8.27
N VAL A 51 -17.45 30.93 -7.04
CA VAL A 51 -18.57 31.79 -6.69
C VAL A 51 -18.16 33.25 -6.68
N ALA A 52 -16.94 33.54 -6.20
CA ALA A 52 -16.50 34.93 -6.11
C ALA A 52 -16.39 35.58 -7.47
N ALA A 53 -16.13 34.79 -8.52
CA ALA A 53 -16.05 35.30 -9.89
C ALA A 53 -17.10 34.66 -10.79
N LYS A 54 -18.15 34.08 -10.21
CA LYS A 54 -19.21 33.45 -10.99
C LYS A 54 -19.79 34.42 -12.01
N GLU A 55 -20.22 35.59 -11.55
CA GLU A 55 -20.66 36.70 -12.40
C GLU A 55 -21.87 36.30 -13.24
N ALA A 56 -22.99 36.17 -12.54
CA ALA A 56 -24.33 36.10 -13.13
C ALA A 56 -24.42 35.00 -14.20
N GLY A 57 -24.12 33.78 -13.79
CA GLY A 57 -24.17 32.66 -14.71
C GLY A 57 -24.30 31.35 -13.99
N GLY A 58 -25.05 30.43 -14.60
CA GLY A 58 -25.09 29.07 -14.13
C GLY A 58 -23.97 28.25 -14.73
N ILE A 59 -23.13 27.68 -13.88
CA ILE A 59 -22.01 26.88 -14.34
C ILE A 59 -22.46 25.43 -14.46
N THR A 60 -22.07 24.78 -15.55
CA THR A 60 -22.47 23.40 -15.84
C THR A 60 -22.20 22.48 -14.67
N GLN A 61 -23.25 22.03 -14.00
CA GLN A 61 -23.11 21.15 -12.84
C GLN A 61 -22.85 19.72 -13.30
N HIS A 62 -21.92 19.05 -12.62
CA HIS A 62 -21.52 17.69 -12.96
C HIS A 62 -21.72 16.76 -11.77
N ILE A 63 -21.92 15.49 -12.07
CA ILE A 63 -21.98 14.44 -11.05
C ILE A 63 -20.55 14.04 -10.71
N GLY A 64 -20.10 14.40 -9.51
CA GLY A 64 -18.78 14.02 -9.06
C GLY A 64 -17.65 14.92 -9.51
N ALA A 65 -17.95 16.08 -10.08
CA ALA A 65 -16.92 17.00 -10.53
C ALA A 65 -17.45 18.42 -10.48
N THR A 66 -16.54 19.39 -10.60
CA THR A 66 -16.88 20.80 -10.56
C THR A 66 -16.14 21.52 -11.68
N GLU A 67 -16.89 22.27 -12.49
CA GLU A 67 -16.32 22.96 -13.64
C GLU A 67 -15.96 24.39 -13.27
N VAL A 68 -14.78 24.82 -13.72
CA VAL A 68 -14.29 26.17 -13.51
C VAL A 68 -14.12 26.83 -14.87
N PRO A 69 -15.02 27.72 -15.26
CA PRO A 69 -14.88 28.38 -16.56
C PRO A 69 -13.68 29.30 -16.60
N ILE A 70 -13.11 29.44 -17.81
CA ILE A 70 -11.92 30.27 -17.97
C ILE A 70 -12.22 31.74 -17.67
N GLU A 71 -13.48 32.15 -17.76
CA GLU A 71 -13.86 33.50 -17.34
C GLU A 71 -13.54 33.71 -15.87
N VAL A 72 -13.68 32.66 -15.05
CA VAL A 72 -13.27 32.75 -13.65
C VAL A 72 -11.76 32.75 -13.54
N VAL A 73 -11.09 31.88 -14.30
CA VAL A 73 -9.64 31.76 -14.20
C VAL A 73 -8.97 33.05 -14.65
N LYS A 74 -9.47 33.67 -15.72
CA LYS A 74 -8.83 34.86 -16.25
C LYS A 74 -8.96 36.05 -15.31
N LYS A 75 -10.17 36.27 -14.78
CA LYS A 75 -10.38 37.41 -13.89
C LYS A 75 -9.74 37.20 -12.53
N ILE A 76 -9.65 35.95 -12.07
CA ILE A 76 -8.95 35.68 -10.82
C ILE A 76 -7.46 36.00 -10.96
N ALA A 77 -6.88 35.72 -12.13
CA ALA A 77 -5.46 35.98 -12.34
C ALA A 77 -5.20 37.46 -12.60
N GLY A 78 -6.05 38.11 -13.37
CA GLY A 78 -5.83 39.49 -13.74
C GLY A 78 -4.68 39.62 -14.73
N PRO A 79 -3.72 40.51 -14.42
CA PRO A 79 -2.55 40.65 -15.31
C PRO A 79 -1.62 39.45 -15.27
N LEU A 80 -1.78 38.55 -14.29
CA LEU A 80 -0.92 37.37 -14.21
C LEU A 80 -1.21 36.36 -15.31
N ILE A 81 -2.24 36.57 -16.12
CA ILE A 81 -2.47 35.71 -17.27
C ILE A 81 -1.29 35.79 -18.24
N LYS A 82 -0.57 36.91 -18.23
CA LYS A 82 0.56 37.11 -19.14
C LYS A 82 1.77 36.26 -18.77
N LEU A 83 1.77 35.61 -17.61
CA LEU A 83 2.91 34.78 -17.25
C LEU A 83 3.03 33.56 -18.15
N TRP A 84 1.94 33.12 -18.77
CA TRP A 84 1.99 31.96 -19.64
C TRP A 84 2.45 32.30 -21.05
N LYS A 85 2.31 33.56 -21.48
CA LYS A 85 2.77 34.03 -22.79
C LYS A 85 2.11 33.24 -23.92
N ALA A 86 0.84 32.90 -23.74
CA ALA A 86 0.07 32.21 -24.76
C ALA A 86 -1.42 32.27 -24.41
N GLU A 87 -2.25 32.62 -25.39
CA GLU A 87 -3.69 32.67 -25.14
C GLU A 87 -4.23 31.27 -24.88
N ILE A 88 -5.29 31.20 -24.07
CA ILE A 88 -5.86 29.93 -23.63
C ILE A 88 -7.25 29.84 -24.23
N LYS A 89 -7.39 29.02 -25.29
CA LYS A 89 -8.67 28.83 -25.96
C LYS A 89 -9.54 27.79 -25.27
N LEU A 90 -9.18 27.36 -24.06
CA LEU A 90 -9.98 26.38 -23.34
C LEU A 90 -11.28 27.01 -22.84
N PRO A 91 -12.34 26.22 -22.72
CA PRO A 91 -13.59 26.74 -22.13
C PRO A 91 -13.57 26.72 -20.61
N GLY A 92 -12.82 25.79 -20.04
CA GLY A 92 -12.74 25.70 -18.59
C GLY A 92 -11.90 24.52 -18.15
N LEU A 93 -12.07 24.14 -16.89
CA LEU A 93 -11.37 23.02 -16.28
C LEU A 93 -12.36 22.18 -15.49
N LEU A 94 -12.24 20.87 -15.58
CA LEU A 94 -13.14 19.94 -14.89
C LEU A 94 -12.35 19.22 -13.80
N PHE A 95 -12.57 19.63 -12.56
CA PHE A 95 -11.88 19.05 -11.41
C PHE A 95 -12.71 17.92 -10.82
N ILE A 96 -12.05 16.79 -10.53
CA ILE A 96 -12.71 15.65 -9.91
C ILE A 96 -12.93 15.95 -8.43
N ASP A 97 -14.13 15.67 -7.94
CA ASP A 97 -14.44 15.97 -6.55
C ASP A 97 -13.74 15.02 -5.59
N THR A 98 -13.45 13.80 -6.02
CA THR A 98 -12.75 12.84 -5.17
C THR A 98 -11.27 12.84 -5.49
N PRO A 99 -10.40 13.25 -4.57
CA PRO A 99 -8.97 13.27 -4.85
C PRO A 99 -8.28 11.98 -4.40
N GLY A 100 -7.02 11.88 -4.76
CA GLY A 100 -6.14 10.87 -4.22
C GLY A 100 -5.71 9.84 -5.26
N HIS A 101 -4.77 9.00 -4.82
CA HIS A 101 -4.27 7.88 -5.61
C HIS A 101 -5.41 7.02 -6.13
N GLU A 102 -6.30 6.60 -5.23
CA GLU A 102 -7.32 5.62 -5.58
C GLU A 102 -8.21 6.13 -6.72
N ALA A 103 -8.50 7.43 -6.73
CA ALA A 103 -9.28 7.99 -7.83
C ALA A 103 -8.47 8.04 -9.13
N PHE A 104 -7.14 8.15 -9.03
CA PHE A 104 -6.32 8.29 -10.22
C PHE A 104 -6.17 6.98 -10.99
N THR A 105 -6.28 5.84 -10.32
CA THR A 105 -6.15 4.55 -10.99
C THR A 105 -7.38 4.18 -11.80
N SER A 106 -8.35 5.09 -11.95
CA SER A 106 -9.46 4.87 -12.86
C SER A 106 -8.99 5.11 -14.29
N LEU A 107 -9.00 4.06 -15.10
CA LEU A 107 -8.36 4.08 -16.40
C LEU A 107 -9.38 3.95 -17.52
N ARG A 108 -9.07 4.57 -18.66
CA ARG A 108 -10.00 4.70 -19.76
C ARG A 108 -10.09 3.40 -20.56
N ALA A 109 -10.82 3.44 -21.67
CA ALA A 109 -10.85 2.31 -22.61
C ALA A 109 -9.53 2.12 -23.34
N ARG A 110 -8.61 3.08 -23.26
CA ARG A 110 -7.30 2.99 -23.90
C ARG A 110 -6.19 2.94 -22.85
N GLY A 111 -6.46 2.28 -21.72
CA GLY A 111 -5.47 2.05 -20.70
C GLY A 111 -4.91 3.27 -20.00
N GLY A 112 -5.31 4.48 -20.40
CA GLY A 112 -4.78 5.67 -19.77
C GLY A 112 -5.66 6.18 -18.64
N SER A 113 -5.05 6.96 -17.74
CA SER A 113 -5.80 7.58 -16.65
C SER A 113 -6.76 8.62 -17.21
N LEU A 114 -7.98 8.64 -16.67
CA LEU A 114 -8.97 9.61 -17.15
C LEU A 114 -8.55 11.04 -16.85
N ALA A 115 -7.65 11.23 -15.90
CA ALA A 115 -7.12 12.56 -15.63
C ALA A 115 -6.20 12.98 -16.77
N ASP A 116 -6.54 14.07 -17.43
CA ASP A 116 -5.68 14.63 -18.47
C ASP A 116 -4.45 15.32 -17.90
N LEU A 117 -4.53 15.77 -16.65
CA LEU A 117 -3.41 16.39 -15.94
C LEU A 117 -3.70 16.31 -14.46
N ALA A 118 -2.65 16.17 -13.66
CA ALA A 118 -2.79 16.01 -12.22
C ALA A 118 -2.17 17.19 -11.49
N VAL A 119 -2.57 17.35 -10.23
CA VAL A 119 -1.97 18.35 -9.34
C VAL A 119 -1.45 17.60 -8.12
N LEU A 120 -0.13 17.55 -7.99
CA LEU A 120 0.53 16.90 -6.86
C LEU A 120 0.62 17.90 -5.72
N VAL A 121 -0.08 17.63 -4.63
CA VAL A 121 -0.08 18.50 -3.46
C VAL A 121 0.90 17.94 -2.44
N VAL A 122 1.87 18.77 -2.04
CA VAL A 122 2.89 18.37 -1.08
C VAL A 122 2.94 19.45 0.01
N ASP A 123 2.74 19.03 1.25
CA ASP A 123 2.95 19.92 2.39
C ASP A 123 4.39 20.42 2.39
N ILE A 124 4.56 21.75 2.32
CA ILE A 124 5.91 22.30 2.22
C ILE A 124 6.70 22.06 3.50
N ASN A 125 6.01 21.94 4.64
CA ASN A 125 6.69 21.71 5.91
C ASN A 125 6.97 20.25 6.15
N GLU A 126 6.03 19.36 5.79
CA GLU A 126 6.23 17.93 5.98
C GLU A 126 7.16 17.34 4.94
N GLY A 127 7.12 17.86 3.71
CA GLY A 127 8.00 17.38 2.66
C GLY A 127 7.50 16.11 1.99
N PHE A 128 8.44 15.40 1.37
CA PHE A 128 8.11 14.16 0.67
C PHE A 128 7.70 13.08 1.66
N GLN A 129 6.60 12.41 1.35
CA GLN A 129 6.03 11.34 2.16
C GLN A 129 5.77 10.15 1.27
N PRO A 130 5.44 8.98 1.85
CA PRO A 130 5.22 7.78 1.01
C PRO A 130 4.24 7.96 -0.13
N GLN A 131 3.05 8.52 0.13
CA GLN A 131 2.08 8.72 -0.94
C GLN A 131 2.57 9.71 -1.98
N THR A 132 3.49 10.60 -1.62
CA THR A 132 4.15 11.43 -2.64
C THR A 132 5.02 10.55 -3.53
N ILE A 133 5.81 9.66 -2.94
CA ILE A 133 6.57 8.69 -3.72
C ILE A 133 5.63 7.81 -4.52
N GLU A 134 4.50 7.44 -3.92
CA GLU A 134 3.56 6.53 -4.57
C GLU A 134 2.97 7.15 -5.83
N SER A 135 2.55 8.42 -5.74
CA SER A 135 1.87 9.05 -6.86
C SER A 135 2.83 9.40 -7.99
N ILE A 136 4.07 9.77 -7.66
CA ILE A 136 5.04 10.17 -8.68
C ILE A 136 5.32 9.02 -9.64
N GLU A 137 5.50 7.82 -9.11
CA GLU A 137 5.74 6.66 -9.96
C GLU A 137 4.54 6.37 -10.86
N ILE A 138 3.34 6.56 -10.33
CA ILE A 138 2.13 6.37 -11.14
C ILE A 138 2.04 7.43 -12.21
N LEU A 139 2.36 8.69 -11.87
CA LEU A 139 2.30 9.77 -12.85
C LEU A 139 3.25 9.52 -14.02
N ARG A 140 4.30 8.74 -13.79
CA ARG A 140 5.25 8.42 -14.86
C ARG A 140 4.83 7.17 -15.63
N LYS A 141 4.25 6.19 -14.94
CA LYS A 141 3.77 4.99 -15.63
C LYS A 141 2.60 5.31 -16.56
N TYR A 142 1.77 6.28 -16.20
CA TYR A 142 0.69 6.73 -17.07
C TYR A 142 1.11 7.86 -18.00
N ARG A 143 2.34 8.37 -17.86
CA ARG A 143 2.86 9.47 -18.68
C ARG A 143 1.96 10.70 -18.57
N THR A 144 1.52 11.00 -17.34
CA THR A 144 0.57 12.09 -17.12
C THR A 144 1.32 13.36 -16.73
N PRO A 145 1.13 14.46 -17.44
CA PRO A 145 1.73 15.73 -17.00
C PRO A 145 1.04 16.23 -15.74
N PHE A 146 1.81 16.92 -14.91
CA PHE A 146 1.27 17.37 -13.63
C PHE A 146 2.00 18.62 -13.13
N VAL A 147 1.36 19.30 -12.18
CA VAL A 147 1.91 20.45 -11.49
C VAL A 147 2.03 20.09 -10.01
N VAL A 148 3.03 20.67 -9.34
CA VAL A 148 3.28 20.42 -7.92
C VAL A 148 2.89 21.66 -7.14
N ALA A 149 2.05 21.47 -6.12
CA ALA A 149 1.60 22.54 -5.26
C ALA A 149 2.27 22.39 -3.89
N ALA A 150 3.16 23.33 -3.57
CA ALA A 150 3.78 23.39 -2.25
C ALA A 150 2.79 24.07 -1.31
N ASN A 151 2.03 23.28 -0.56
CA ASN A 151 0.92 23.77 0.24
C ASN A 151 1.35 24.05 1.67
N LYS A 152 0.50 24.81 2.37
CA LYS A 152 0.65 25.11 3.80
C LYS A 152 1.85 26.02 4.07
N ILE A 153 2.06 27.02 3.20
CA ILE A 153 3.12 28.00 3.41
C ILE A 153 2.74 29.05 4.45
N ASP A 154 1.53 28.98 5.00
CA ASP A 154 1.15 29.88 6.08
C ASP A 154 1.71 29.42 7.43
N ARG A 155 1.89 28.11 7.62
CA ARG A 155 2.54 27.62 8.83
C ARG A 155 4.02 27.95 8.87
N ILE A 156 4.58 28.53 7.81
CA ILE A 156 5.91 29.10 7.88
C ILE A 156 5.94 30.15 8.98
N LYS A 157 6.92 30.05 9.86
CA LYS A 157 6.97 30.92 11.03
C LYS A 157 7.06 32.38 10.61
N GLY A 158 6.07 33.17 11.03
CA GLY A 158 6.07 34.59 10.75
C GLY A 158 5.59 34.96 9.36
N TRP A 159 4.61 34.24 8.82
CA TRP A 159 4.14 34.47 7.47
C TRP A 159 2.99 35.47 7.45
N VAL A 160 3.06 36.41 6.51
CA VAL A 160 2.02 37.42 6.33
C VAL A 160 0.94 36.86 5.42
N ILE A 161 -0.27 36.69 5.97
CA ILE A 161 -1.36 36.03 5.26
C ILE A 161 -2.35 37.08 4.76
N GLU A 162 -2.72 36.98 3.48
CA GLU A 162 -3.78 37.78 2.89
C GLU A 162 -4.67 36.86 2.08
N GLU A 163 -5.98 36.90 2.35
CA GLU A 163 -6.90 35.96 1.74
C GLU A 163 -6.98 36.15 0.23
N ASP A 164 -6.95 35.04 -0.50
CA ASP A 164 -7.12 35.02 -1.95
C ASP A 164 -6.14 35.97 -2.65
N GLU A 165 -4.90 35.98 -2.19
CA GLU A 165 -3.90 36.80 -2.83
C GLU A 165 -2.95 35.94 -3.65
N PRO A 166 -2.69 36.29 -4.91
CA PRO A 166 -1.75 35.51 -5.71
C PRO A 166 -0.38 35.46 -5.05
N PHE A 167 0.35 34.37 -5.32
CA PHE A 167 1.60 34.13 -4.62
C PHE A 167 2.65 35.19 -4.92
N LEU A 168 2.75 35.61 -6.19
CA LEU A 168 3.73 36.63 -6.53
C LEU A 168 3.44 37.95 -5.84
N MET A 169 2.16 38.24 -5.57
CA MET A 169 1.84 39.43 -4.81
C MET A 169 2.12 39.24 -3.33
N ASN A 170 1.85 38.05 -2.80
CA ASN A 170 1.95 37.83 -1.36
C ASN A 170 3.41 37.76 -0.91
N ILE A 171 4.28 37.18 -1.73
CA ILE A 171 5.67 37.00 -1.34
C ILE A 171 6.37 38.34 -1.12
N LYS A 172 5.88 39.40 -1.76
CA LYS A 172 6.48 40.72 -1.58
C LYS A 172 6.20 41.30 -0.19
N LYS A 173 5.27 40.72 0.58
CA LYS A 173 5.00 41.15 1.93
C LYS A 173 5.86 40.44 2.97
N GLN A 174 6.78 39.58 2.55
CA GLN A 174 7.52 38.72 3.46
C GLN A 174 8.88 39.31 3.79
N ASP A 175 9.38 38.94 4.97
CA ASP A 175 10.71 39.34 5.40
C ASP A 175 11.73 38.27 5.01
N GLN A 176 13.02 38.60 5.17
CA GLN A 176 14.08 37.68 4.78
C GLN A 176 14.00 36.37 5.54
N ARG A 177 13.58 36.40 6.81
CA ARG A 177 13.51 35.17 7.59
C ARG A 177 12.50 34.20 7.02
N ALA A 178 11.36 34.70 6.56
CA ALA A 178 10.34 33.83 6.00
C ALA A 178 10.70 33.35 4.60
N VAL A 179 11.19 34.26 3.75
CA VAL A 179 11.59 33.86 2.40
C VAL A 179 12.70 32.82 2.45
N GLN A 180 13.60 32.94 3.43
CA GLN A 180 14.67 31.97 3.59
C GLN A 180 14.11 30.58 3.86
N GLU A 181 13.10 30.49 4.71
CA GLU A 181 12.51 29.19 5.03
C GLU A 181 11.79 28.59 3.82
N LEU A 182 11.25 29.44 2.94
CA LEU A 182 10.62 28.93 1.72
C LEU A 182 11.67 28.44 0.72
N GLU A 183 12.73 29.24 0.52
CA GLU A 183 13.78 28.84 -0.41
C GLU A 183 14.48 27.57 0.05
N THR A 184 14.63 27.41 1.36
CA THR A 184 15.29 26.21 1.89
C THR A 184 14.42 24.97 1.67
N LYS A 185 13.12 25.08 1.95
CA LYS A 185 12.26 23.92 1.81
C LYS A 185 12.02 23.56 0.35
N LEU A 186 11.97 24.56 -0.54
CA LEU A 186 11.94 24.27 -1.97
C LEU A 186 13.18 23.49 -2.39
N TRP A 187 14.35 23.86 -1.84
CA TRP A 187 15.59 23.17 -2.17
C TRP A 187 15.51 21.69 -1.86
N GLU A 188 14.91 21.33 -0.72
CA GLU A 188 14.73 19.92 -0.39
C GLU A 188 13.69 19.27 -1.29
N LEU A 189 12.67 20.03 -1.71
CA LEU A 189 11.69 19.51 -2.65
C LEU A 189 12.33 19.15 -3.98
N ILE A 190 13.06 20.11 -4.57
CA ILE A 190 13.67 19.90 -5.88
C ILE A 190 14.70 18.78 -5.83
N GLY A 191 15.40 18.63 -4.69
CA GLY A 191 16.32 17.53 -4.55
C GLY A 191 15.63 16.18 -4.60
N LYS A 192 14.49 16.07 -3.92
CA LYS A 192 13.73 14.82 -3.97
C LYS A 192 13.18 14.58 -5.36
N PHE A 193 12.73 15.64 -6.05
CA PHE A 193 12.21 15.47 -7.40
C PHE A 193 13.31 15.09 -8.37
N TYR A 194 14.49 15.71 -8.25
CA TYR A 194 15.61 15.29 -9.07
C TYR A 194 15.99 13.84 -8.79
N GLU A 195 15.84 13.40 -7.54
CA GLU A 195 16.07 12.02 -7.18
C GLU A 195 15.07 11.06 -7.83
N PHE A 196 14.08 11.59 -8.55
CA PHE A 196 13.14 10.77 -9.30
C PHE A 196 13.13 11.11 -10.79
N GLY A 197 14.13 11.84 -11.27
CA GLY A 197 14.21 12.16 -12.68
C GLY A 197 13.41 13.37 -13.12
N PHE A 198 13.07 14.27 -12.19
CA PHE A 198 12.28 15.45 -12.50
C PHE A 198 13.08 16.70 -12.13
N GLN A 199 13.34 17.54 -13.12
CA GLN A 199 13.93 18.86 -12.89
C GLN A 199 12.82 19.77 -12.39
N ALA A 200 12.85 20.11 -11.11
CA ALA A 200 11.83 20.95 -10.49
C ALA A 200 12.36 22.35 -10.27
N ASN A 201 11.42 23.30 -10.12
CA ASN A 201 11.78 24.70 -9.92
C ASN A 201 10.52 25.46 -9.52
N ARG A 202 10.73 26.61 -8.91
CA ARG A 202 9.63 27.54 -8.68
C ARG A 202 9.08 28.00 -10.02
N PHE A 203 7.77 28.19 -10.09
CA PHE A 203 7.10 28.35 -11.38
C PHE A 203 7.59 29.58 -12.13
N ASP A 204 7.81 30.70 -11.44
CA ASP A 204 8.33 31.90 -12.09
C ASP A 204 9.81 31.79 -12.44
N ARG A 205 10.42 30.62 -12.20
CA ARG A 205 11.80 30.39 -12.58
C ARG A 205 11.95 29.32 -13.66
N VAL A 206 10.87 28.65 -14.03
CA VAL A 206 10.91 27.63 -15.08
C VAL A 206 10.96 28.32 -16.43
N GLN A 207 11.84 27.83 -17.30
CA GLN A 207 11.95 28.34 -18.67
C GLN A 207 11.19 27.47 -19.67
N ASN A 208 11.45 26.16 -19.66
CA ASN A 208 10.78 25.22 -20.56
C ASN A 208 9.84 24.36 -19.72
N PHE A 209 8.54 24.52 -19.95
CA PHE A 209 7.56 23.79 -19.15
C PHE A 209 7.38 22.35 -19.59
N THR A 210 7.88 21.98 -20.77
CA THR A 210 7.83 20.59 -21.22
C THR A 210 9.06 19.79 -20.81
N ARG A 211 10.13 20.46 -20.38
CA ARG A 211 11.33 19.79 -19.92
C ARG A 211 11.57 19.99 -18.43
N GLU A 212 10.61 20.54 -17.70
CA GLU A 212 10.83 20.91 -16.31
C GLU A 212 9.53 20.80 -15.54
N LEU A 213 9.66 20.70 -14.21
CA LEU A 213 8.53 20.56 -13.31
C LEU A 213 8.34 21.87 -12.56
N ALA A 214 7.13 22.42 -12.62
CA ALA A 214 6.82 23.69 -11.98
C ALA A 214 6.21 23.47 -10.60
N ILE A 215 6.63 24.29 -9.65
CA ILE A 215 6.18 24.21 -8.27
C ILE A 215 5.55 25.54 -7.89
N VAL A 216 4.33 25.50 -7.38
CA VAL A 216 3.57 26.68 -7.00
C VAL A 216 3.37 26.65 -5.49
N PRO A 217 4.03 27.52 -4.72
CA PRO A 217 3.74 27.63 -3.29
C PRO A 217 2.37 28.25 -3.06
N ILE A 218 1.46 27.48 -2.49
CA ILE A 218 0.07 27.89 -2.32
C ILE A 218 -0.30 27.81 -0.85
N SER A 219 -1.46 28.37 -0.53
CA SER A 219 -2.12 28.18 0.75
C SER A 219 -3.57 27.83 0.45
N ALA A 220 -3.88 26.53 0.51
CA ALA A 220 -5.24 26.07 0.23
C ALA A 220 -6.24 26.52 1.29
N LYS A 221 -5.76 26.89 2.48
CA LYS A 221 -6.65 27.33 3.54
C LYS A 221 -7.05 28.80 3.38
N TYR A 222 -6.20 29.60 2.73
CA TYR A 222 -6.44 31.03 2.60
C TYR A 222 -6.48 31.50 1.15
N GLY A 223 -6.23 30.62 0.18
CA GLY A 223 -6.31 31.01 -1.21
C GLY A 223 -5.10 31.74 -1.74
N ILE A 224 -3.95 31.62 -1.09
CA ILE A 224 -2.73 32.27 -1.54
C ILE A 224 -2.15 31.48 -2.70
N GLY A 225 -1.89 32.16 -3.81
CA GLY A 225 -1.29 31.52 -4.97
C GLY A 225 -2.21 30.64 -5.77
N ILE A 226 -3.52 30.67 -5.52
CA ILE A 226 -4.44 29.87 -6.31
C ILE A 226 -4.55 30.41 -7.72
N ALA A 227 -4.38 31.73 -7.89
CA ALA A 227 -4.43 32.33 -9.22
C ALA A 227 -3.33 31.77 -10.12
N GLU A 228 -2.10 31.71 -9.61
CA GLU A 228 -1.00 31.20 -10.41
C GLU A 228 -1.15 29.71 -10.70
N LEU A 229 -1.74 28.95 -9.77
CA LEU A 229 -1.88 27.52 -9.97
C LEU A 229 -2.88 27.22 -11.10
N LEU A 230 -3.99 27.97 -11.14
CA LEU A 230 -4.99 27.72 -12.17
C LEU A 230 -4.48 28.14 -13.54
N VAL A 231 -3.69 29.22 -13.61
CA VAL A 231 -3.12 29.65 -14.87
C VAL A 231 -2.21 28.57 -15.43
N LEU A 232 -1.42 27.92 -14.57
CA LEU A 232 -0.54 26.85 -15.02
C LEU A 232 -1.33 25.63 -15.44
N ILE A 233 -2.40 25.30 -14.72
CA ILE A 233 -3.23 24.15 -15.09
C ILE A 233 -3.87 24.40 -16.46
N ALA A 234 -4.51 25.55 -16.64
CA ALA A 234 -5.16 25.85 -17.91
C ALA A 234 -4.15 25.90 -19.05
N GLY A 235 -3.00 26.54 -18.81
CA GLY A 235 -2.01 26.66 -19.87
C GLY A 235 -1.37 25.34 -20.23
N LEU A 236 -0.95 24.57 -19.22
CA LEU A 236 -0.26 23.31 -19.49
C LEU A 236 -1.17 22.32 -20.21
N SER A 237 -2.41 22.20 -19.74
CA SER A 237 -3.35 21.26 -20.35
C SER A 237 -3.56 21.58 -21.83
N GLN A 238 -3.56 22.86 -22.18
CA GLN A 238 -3.74 23.25 -23.58
C GLN A 238 -2.52 22.87 -24.41
N ARG A 239 -1.33 23.27 -23.97
CA ARG A 239 -0.11 22.99 -24.74
C ARG A 239 0.31 21.53 -24.67
N TYR A 240 -0.28 20.74 -23.77
CA TYR A 240 -0.01 19.30 -23.71
C TYR A 240 -1.09 18.47 -24.39
N LEU A 241 -2.33 18.94 -24.41
CA LEU A 241 -3.46 18.17 -24.90
C LEU A 241 -4.28 18.97 -25.91
N GLU A 242 -3.61 19.82 -26.69
CA GLU A 242 -4.30 20.56 -27.74
C GLU A 242 -5.13 19.62 -28.62
N GLU A 243 -4.51 18.52 -29.08
CA GLU A 243 -5.11 17.75 -30.17
C GLU A 243 -6.23 16.84 -29.71
N LYS A 244 -6.13 16.21 -28.52
CA LYS A 244 -7.12 15.23 -28.11
C LYS A 244 -8.19 15.79 -27.19
N LEU A 245 -8.03 17.02 -26.70
CA LEU A 245 -9.18 17.74 -26.17
C LEU A 245 -10.09 18.24 -27.29
N LYS A 246 -9.56 18.39 -28.51
CA LYS A 246 -10.37 18.69 -29.69
C LYS A 246 -11.09 17.41 -30.13
N ILE A 247 -12.09 17.03 -29.33
CA ILE A 247 -12.96 15.91 -29.66
C ILE A 247 -14.09 16.42 -30.53
N GLU A 248 -14.56 15.59 -31.44
CA GLU A 248 -15.80 15.87 -32.13
C GLU A 248 -16.96 15.57 -31.19
N VAL A 249 -17.83 16.57 -30.99
CA VAL A 249 -19.05 16.40 -30.21
C VAL A 249 -19.83 15.16 -30.65
N GLU A 250 -19.66 14.75 -31.89
CA GLU A 250 -20.59 13.86 -32.57
C GLU A 250 -20.27 12.39 -32.38
N GLY A 251 -19.01 12.08 -32.08
CA GLY A 251 -18.59 10.71 -31.93
C GLY A 251 -19.28 10.03 -30.77
N PRO A 252 -19.33 8.70 -30.80
CA PRO A 252 -19.88 7.96 -29.66
C PRO A 252 -19.08 8.24 -28.40
N ALA A 253 -19.72 8.02 -27.26
CA ALA A 253 -19.19 8.42 -25.98
C ALA A 253 -18.31 7.34 -25.37
N ARG A 254 -17.19 7.77 -24.79
CA ARG A 254 -16.28 6.91 -24.03
C ARG A 254 -16.14 7.50 -22.64
N GLY A 255 -16.22 6.66 -21.61
CA GLY A 255 -16.21 7.15 -20.25
C GLY A 255 -15.52 6.19 -19.30
N THR A 256 -15.45 6.62 -18.04
CA THR A 256 -14.83 5.85 -16.96
C THR A 256 -15.77 5.86 -15.76
N ILE A 257 -15.98 4.70 -15.16
CA ILE A 257 -16.83 4.59 -13.97
C ILE A 257 -16.08 5.13 -12.76
N LEU A 258 -16.72 6.06 -12.03
CA LEU A 258 -16.19 6.58 -10.79
C LEU A 258 -16.73 5.86 -9.56
N GLU A 259 -17.98 5.41 -9.60
CA GLU A 259 -18.58 4.76 -8.45
C GLU A 259 -19.78 3.95 -8.90
N VAL A 260 -20.00 2.81 -8.25
CA VAL A 260 -21.17 1.96 -8.48
C VAL A 260 -22.13 2.16 -7.33
N ARG A 261 -23.39 2.44 -7.64
CA ARG A 261 -24.39 2.77 -6.63
C ARG A 261 -25.62 1.89 -6.80
N GLU A 262 -26.10 1.34 -5.69
CA GLU A 262 -27.42 0.72 -5.65
C GLU A 262 -28.41 1.71 -5.05
N GLU A 263 -28.76 2.71 -5.87
CA GLU A 263 -29.61 3.80 -5.42
C GLU A 263 -30.95 3.28 -4.93
N PRO A 264 -31.53 3.92 -3.90
CA PRO A 264 -32.82 3.45 -3.40
C PRO A 264 -33.94 3.51 -4.44
N GLY A 265 -34.10 4.66 -5.09
CA GLY A 265 -35.16 4.82 -6.06
C GLY A 265 -34.74 4.53 -7.49
N LEU A 266 -33.45 4.67 -7.78
CA LEU A 266 -32.93 4.52 -9.14
C LEU A 266 -32.38 3.13 -9.42
N GLY A 267 -32.39 2.23 -8.45
CA GLY A 267 -31.86 0.90 -8.68
C GLY A 267 -30.35 0.91 -8.71
N HIS A 268 -29.76 0.23 -9.68
CA HIS A 268 -28.32 0.15 -9.84
C HIS A 268 -27.87 1.17 -10.88
N THR A 269 -27.09 2.16 -10.45
CA THR A 269 -26.58 3.20 -11.33
C THR A 269 -25.07 3.31 -11.17
N ILE A 270 -24.43 3.87 -12.20
CA ILE A 270 -22.98 4.08 -12.20
C ILE A 270 -22.71 5.56 -12.40
N ASP A 271 -21.86 6.13 -11.54
CA ASP A 271 -21.39 7.49 -11.71
C ASP A 271 -20.17 7.48 -12.61
N VAL A 272 -20.20 8.31 -13.66
CA VAL A 272 -19.28 8.18 -14.78
C VAL A 272 -18.80 9.55 -15.21
N ILE A 273 -17.53 9.64 -15.60
CA ILE A 273 -16.97 10.80 -16.27
C ILE A 273 -16.83 10.45 -17.76
N ILE A 274 -17.52 11.20 -18.60
CA ILE A 274 -17.41 11.04 -20.05
C ILE A 274 -16.23 11.88 -20.52
N TYR A 275 -15.26 11.23 -21.17
CA TYR A 275 -14.03 11.89 -21.59
C TYR A 275 -13.91 12.03 -23.10
N ASP A 276 -14.94 11.64 -23.85
CA ASP A 276 -14.91 11.67 -25.32
C ASP A 276 -16.30 11.42 -25.88
N GLY A 277 -16.79 12.31 -26.73
CA GLY A 277 -18.04 12.09 -27.44
C GLY A 277 -19.26 12.55 -26.68
N THR A 278 -20.42 12.17 -27.22
CA THR A 278 -21.72 12.53 -26.67
C THR A 278 -22.45 11.27 -26.25
N LEU A 279 -23.00 11.29 -25.04
CA LEU A 279 -23.78 10.18 -24.51
C LEU A 279 -25.26 10.56 -24.54
N HIS A 280 -26.10 9.63 -25.02
CA HIS A 280 -27.53 9.86 -25.14
C HIS A 280 -28.28 8.85 -24.27
N LYS A 281 -29.47 9.26 -23.81
CA LYS A 281 -30.28 8.37 -22.98
C LYS A 281 -30.83 7.18 -23.75
N ASP A 282 -30.63 7.15 -25.07
CA ASP A 282 -31.02 6.01 -25.91
C ASP A 282 -29.87 5.04 -26.15
N ASP A 283 -28.65 5.43 -25.80
CA ASP A 283 -27.46 4.69 -26.24
C ASP A 283 -27.38 3.31 -25.63
N THR A 284 -26.79 2.40 -26.39
CA THR A 284 -26.41 1.07 -25.91
C THR A 284 -24.93 1.12 -25.55
N ILE A 285 -24.61 0.70 -24.31
CA ILE A 285 -23.26 0.85 -23.80
C ILE A 285 -22.71 -0.52 -23.42
N VAL A 286 -21.38 -0.62 -23.46
CA VAL A 286 -20.65 -1.79 -22.99
C VAL A 286 -19.89 -1.37 -21.74
N VAL A 287 -20.20 -2.02 -20.62
CA VAL A 287 -19.69 -1.62 -19.30
C VAL A 287 -18.73 -2.67 -18.81
N GLY A 288 -17.60 -2.22 -18.26
CA GLY A 288 -16.59 -3.13 -17.75
C GLY A 288 -16.90 -3.68 -16.37
N GLY A 289 -16.94 -5.01 -16.26
CA GLY A 289 -17.08 -5.68 -15.00
C GLY A 289 -15.75 -6.16 -14.48
N LYS A 290 -15.81 -7.11 -13.54
CA LYS A 290 -14.60 -7.70 -12.99
C LYS A 290 -14.16 -8.95 -13.75
N ASP A 291 -15.05 -9.53 -14.56
CA ASP A 291 -14.67 -10.70 -15.35
C ASP A 291 -15.47 -10.84 -16.65
N LYS A 292 -16.19 -9.81 -17.08
CA LYS A 292 -17.00 -9.90 -18.28
C LYS A 292 -17.37 -8.49 -18.72
N ALA A 293 -17.89 -8.39 -19.94
CA ALA A 293 -18.38 -7.14 -20.49
C ALA A 293 -19.91 -7.09 -20.37
N ILE A 294 -20.42 -5.94 -19.96
CA ILE A 294 -21.85 -5.76 -19.68
C ILE A 294 -22.45 -4.95 -20.83
N VAL A 295 -23.24 -5.62 -21.67
CA VAL A 295 -23.93 -4.97 -22.78
C VAL A 295 -25.34 -4.64 -22.30
N THR A 296 -25.64 -3.35 -22.21
CA THR A 296 -26.92 -2.88 -21.71
C THR A 296 -27.29 -1.60 -22.45
N LYS A 297 -28.55 -1.19 -22.30
CA LYS A 297 -29.06 0.02 -22.91
C LYS A 297 -29.47 1.01 -21.82
N ILE A 298 -29.04 2.26 -21.98
CA ILE A 298 -29.29 3.28 -20.96
C ILE A 298 -30.79 3.54 -20.84
N ARG A 299 -31.29 3.54 -19.61
CA ARG A 299 -32.68 3.87 -19.36
C ARG A 299 -32.88 5.36 -19.08
N ALA A 300 -31.95 5.99 -18.37
CA ALA A 300 -32.06 7.41 -18.04
C ALA A 300 -30.71 7.97 -17.68
N LEU A 301 -30.49 9.24 -18.00
CA LEU A 301 -29.31 9.99 -17.61
C LEU A 301 -29.70 11.08 -16.63
N LEU A 302 -28.84 11.34 -15.65
CA LEU A 302 -29.15 12.32 -14.61
C LEU A 302 -27.93 13.18 -14.32
N LYS A 303 -28.17 14.47 -14.11
CA LYS A 303 -27.16 15.43 -13.75
C LYS A 303 -27.75 16.38 -12.70
N PRO A 304 -26.90 17.08 -11.94
CA PRO A 304 -27.44 18.02 -10.95
C PRO A 304 -28.16 19.18 -11.60
N LYS A 305 -29.26 19.61 -10.98
CA LYS A 305 -30.01 20.76 -11.45
C LYS A 305 -29.14 22.02 -11.34
N PRO A 306 -29.49 23.08 -12.05
CA PRO A 306 -28.84 24.37 -11.83
C PRO A 306 -28.87 24.73 -10.35
N LEU A 307 -27.76 25.31 -9.88
CA LEU A 307 -27.52 25.41 -8.45
C LEU A 307 -28.64 26.15 -7.73
N ASP A 308 -29.24 27.15 -8.38
CA ASP A 308 -30.30 27.92 -7.75
C ASP A 308 -31.63 27.16 -7.69
N GLU A 309 -31.84 26.18 -8.56
CA GLU A 309 -33.12 25.49 -8.64
C GLU A 309 -33.34 24.46 -7.54
N ILE A 310 -32.35 24.25 -6.67
CA ILE A 310 -32.50 23.27 -5.61
C ILE A 310 -33.28 23.88 -4.46
N ARG A 311 -34.32 23.19 -4.01
CA ARG A 311 -35.02 23.54 -2.79
C ARG A 311 -35.01 22.42 -1.74
N ASP A 312 -34.97 21.17 -2.18
CA ASP A 312 -34.86 20.02 -1.28
C ASP A 312 -33.53 19.34 -1.51
N PRO A 313 -32.67 19.18 -0.50
CA PRO A 313 -31.41 18.46 -0.71
C PRO A 313 -31.60 17.02 -1.15
N ARG A 314 -32.79 16.46 -0.95
CA ARG A 314 -33.08 15.10 -1.37
C ARG A 314 -33.41 14.99 -2.86
N PHE A 315 -33.65 16.11 -3.53
CA PHE A 315 -34.00 16.13 -4.96
C PHE A 315 -33.13 17.17 -5.65
N ARG A 316 -31.94 16.75 -6.06
CA ARG A 316 -30.98 17.64 -6.70
C ARG A 316 -30.75 17.33 -8.17
N PHE A 317 -31.43 16.33 -8.73
CA PHE A 317 -31.08 15.78 -10.03
C PHE A 317 -32.17 16.04 -11.05
N ASP A 318 -31.74 16.33 -12.28
CA ASP A 318 -32.61 16.45 -13.44
C ASP A 318 -32.42 15.25 -14.36
N TYR A 319 -33.44 14.94 -15.15
CA TYR A 319 -33.31 13.97 -16.23
C TYR A 319 -32.75 14.70 -17.46
N VAL A 320 -31.64 14.22 -17.98
CA VAL A 320 -30.95 14.86 -19.09
C VAL A 320 -31.06 13.96 -20.31
N ASP A 321 -31.03 14.58 -21.49
CA ASP A 321 -31.07 13.84 -22.74
C ASP A 321 -29.68 13.52 -23.27
N GLU A 322 -28.75 14.48 -23.19
CA GLU A 322 -27.40 14.28 -23.70
C GLU A 322 -26.39 14.98 -22.81
N VAL A 323 -25.23 14.37 -22.65
CA VAL A 323 -24.05 15.00 -22.08
C VAL A 323 -22.88 14.72 -23.01
N THR A 324 -21.98 15.69 -23.14
CA THR A 324 -20.90 15.59 -24.10
C THR A 324 -19.63 16.20 -23.52
N ALA A 325 -18.55 16.15 -24.31
CA ALA A 325 -17.24 16.70 -23.95
C ALA A 325 -16.83 16.06 -22.63
N ALA A 326 -16.36 16.84 -21.64
CA ALA A 326 -16.08 16.32 -20.32
C ALA A 326 -17.27 16.61 -19.42
N ALA A 327 -17.90 15.55 -18.92
CA ALA A 327 -19.09 15.70 -18.10
C ALA A 327 -19.20 14.54 -17.12
N GLY A 328 -19.64 14.84 -15.90
CA GLY A 328 -19.94 13.83 -14.91
C GLY A 328 -21.43 13.59 -14.86
N VAL A 329 -21.84 12.34 -15.07
CA VAL A 329 -23.24 12.00 -15.26
C VAL A 329 -23.55 10.68 -14.57
N LYS A 330 -24.79 10.54 -14.11
CA LYS A 330 -25.28 9.31 -13.49
C LYS A 330 -26.08 8.53 -14.52
N ILE A 331 -25.68 7.29 -14.77
CA ILE A 331 -26.28 6.45 -15.80
C ILE A 331 -27.12 5.38 -15.11
N ALA A 332 -28.44 5.45 -15.31
CA ALA A 332 -29.36 4.41 -14.85
C ALA A 332 -29.68 3.48 -16.00
N ALA A 333 -29.44 2.18 -15.78
CA ALA A 333 -29.58 1.18 -16.82
C ALA A 333 -29.61 -0.20 -16.16
N PRO A 334 -30.19 -1.19 -16.81
CA PRO A 334 -30.23 -2.54 -16.23
C PRO A 334 -28.89 -3.23 -16.31
N GLY A 335 -28.67 -4.14 -15.37
CA GLY A 335 -27.48 -4.98 -15.37
C GLY A 335 -26.23 -4.34 -14.79
N LEU A 336 -26.30 -3.08 -14.38
CA LEU A 336 -25.12 -2.41 -13.81
C LEU A 336 -24.75 -2.94 -12.42
N GLU A 337 -25.36 -4.02 -11.93
CA GLU A 337 -25.01 -4.56 -10.62
C GLU A 337 -23.60 -5.12 -10.62
N GLU A 338 -23.18 -5.75 -11.71
CA GLU A 338 -21.86 -6.34 -11.82
C GLU A 338 -20.83 -5.38 -12.41
N ALA A 339 -21.18 -4.12 -12.57
CA ALA A 339 -20.24 -3.12 -13.06
C ALA A 339 -19.16 -2.86 -12.02
N LEU A 340 -17.95 -2.60 -12.50
CA LEU A 340 -16.78 -2.39 -11.64
C LEU A 340 -16.32 -0.95 -11.76
N ALA A 341 -16.05 -0.32 -10.62
CA ALA A 341 -15.52 1.03 -10.62
C ALA A 341 -14.14 1.07 -11.25
N GLY A 342 -13.81 2.21 -11.86
CA GLY A 342 -12.55 2.36 -12.57
C GLY A 342 -12.52 1.75 -13.95
N SER A 343 -13.51 0.92 -14.30
CA SER A 343 -13.61 0.33 -15.62
C SER A 343 -14.26 1.31 -16.60
N PRO A 344 -14.11 1.09 -17.91
CA PRO A 344 -14.63 2.04 -18.89
C PRO A 344 -16.09 1.78 -19.25
N VAL A 345 -16.71 2.82 -19.80
CA VAL A 345 -18.03 2.76 -20.40
C VAL A 345 -17.88 3.17 -21.85
N ILE A 346 -18.33 2.31 -22.76
CA ILE A 346 -18.14 2.51 -24.19
C ILE A 346 -19.50 2.44 -24.88
N ALA A 347 -19.85 3.49 -25.61
CA ALA A 347 -21.08 3.50 -26.38
C ALA A 347 -20.87 2.78 -27.71
N ALA A 348 -21.82 1.93 -28.07
CA ALA A 348 -21.70 1.07 -29.26
C ALA A 348 -22.98 1.14 -30.09
N PRO A 349 -22.97 1.88 -31.20
CA PRO A 349 -24.20 2.02 -32.00
C PRO A 349 -24.56 0.79 -32.84
N THR A 350 -23.61 -0.06 -33.15
CA THR A 350 -23.82 -1.22 -34.02
C THR A 350 -23.36 -2.48 -33.31
N PRO A 351 -23.82 -3.66 -33.76
CA PRO A 351 -23.30 -4.90 -33.18
C PRO A 351 -21.79 -5.05 -33.31
N GLU A 352 -21.20 -4.56 -34.41
CA GLU A 352 -19.75 -4.57 -34.54
C GLU A 352 -19.11 -3.69 -33.46
N ASP A 353 -19.67 -2.51 -33.22
CA ASP A 353 -19.18 -1.66 -32.15
C ASP A 353 -19.31 -2.35 -30.79
N VAL A 354 -20.42 -3.08 -30.59
CA VAL A 354 -20.57 -3.86 -29.37
C VAL A 354 -19.49 -4.92 -29.28
N GLU A 355 -19.19 -5.58 -30.40
CA GLU A 355 -18.22 -6.67 -30.37
C GLU A 355 -16.80 -6.15 -30.14
N LYS A 356 -16.48 -4.98 -30.70
CA LYS A 356 -15.15 -4.42 -30.50
C LYS A 356 -14.97 -3.93 -29.06
N ALA A 357 -16.02 -3.31 -28.49
CA ALA A 357 -15.92 -2.84 -27.12
C ALA A 357 -15.80 -3.98 -26.12
N LYS A 358 -16.46 -5.12 -26.40
CA LYS A 358 -16.30 -6.30 -25.56
C LYS A 358 -14.87 -6.82 -25.61
N GLN A 359 -14.19 -6.65 -26.75
CA GLN A 359 -12.81 -7.10 -26.87
C GLN A 359 -11.88 -6.23 -26.03
N GLU A 360 -12.01 -4.91 -26.14
CA GLU A 360 -11.11 -4.02 -25.43
C GLU A 360 -11.23 -4.18 -23.92
N ILE A 361 -12.44 -4.43 -23.42
CA ILE A 361 -12.63 -4.56 -21.98
C ILE A 361 -12.03 -5.86 -21.48
N LEU A 362 -12.26 -6.96 -22.20
CA LEU A 362 -11.72 -8.25 -21.76
C LEU A 362 -10.21 -8.31 -21.98
N GLU A 363 -9.72 -7.72 -23.06
CA GLU A 363 -8.27 -7.59 -23.22
C GLU A 363 -7.65 -6.81 -22.07
N GLN A 364 -8.39 -5.84 -21.52
CA GLN A 364 -7.92 -5.10 -20.35
C GLN A 364 -7.95 -5.98 -19.10
N ILE A 365 -8.91 -6.90 -19.01
CA ILE A 365 -8.98 -7.79 -17.85
C ILE A 365 -7.89 -8.85 -17.93
N GLU A 366 -7.67 -9.42 -19.11
CA GLU A 366 -6.63 -10.44 -19.27
C GLU A 366 -5.25 -9.88 -19.00
N ARG A 367 -5.05 -8.57 -19.19
CA ARG A 367 -3.74 -7.96 -19.03
C ARG A 367 -3.39 -7.73 -17.56
N VAL A 368 -4.40 -7.54 -16.71
CA VAL A 368 -4.20 -7.25 -15.29
C VAL A 368 -4.34 -8.52 -14.45
N VAL A 369 -5.47 -9.21 -14.55
CA VAL A 369 -5.71 -10.40 -13.75
C VAL A 369 -4.72 -11.49 -14.13
N ILE A 370 -4.21 -12.20 -13.13
CA ILE A 370 -3.29 -13.31 -13.34
C ILE A 370 -3.71 -14.47 -12.45
N SER A 371 -3.74 -15.68 -13.03
CA SER A 371 -3.97 -16.90 -12.28
C SER A 371 -2.88 -17.89 -12.67
N THR A 372 -2.12 -18.36 -11.69
CA THR A 372 -0.94 -19.17 -11.95
C THR A 372 -0.89 -20.30 -10.92
N ASP A 373 0.21 -21.06 -10.96
CA ASP A 373 0.54 -22.04 -9.95
C ASP A 373 1.84 -21.71 -9.23
N LYS A 374 2.58 -20.71 -9.71
CA LYS A 374 3.86 -20.35 -9.11
C LYS A 374 3.70 -20.01 -7.63
N VAL A 375 4.65 -20.46 -6.83
CA VAL A 375 4.65 -20.20 -5.39
C VAL A 375 4.77 -18.70 -5.13
N GLY A 376 3.63 -18.06 -4.86
CA GLY A 376 3.61 -16.63 -4.65
C GLY A 376 2.44 -16.21 -3.78
N VAL A 377 2.31 -14.89 -3.61
CA VAL A 377 1.26 -14.32 -2.78
C VAL A 377 -0.03 -14.24 -3.59
N ILE A 378 -1.11 -13.83 -2.95
CA ILE A 378 -2.41 -13.64 -3.61
C ILE A 378 -2.84 -12.19 -3.36
N VAL A 379 -3.11 -11.47 -4.43
CA VAL A 379 -3.40 -10.04 -4.38
C VAL A 379 -4.85 -9.82 -4.79
N LYS A 380 -5.60 -9.09 -3.95
CA LYS A 380 -6.98 -8.73 -4.23
C LYS A 380 -7.13 -7.23 -4.04
N ALA A 381 -7.80 -6.57 -4.98
CA ALA A 381 -8.00 -5.13 -4.92
C ALA A 381 -9.43 -4.80 -5.32
N ASP A 382 -9.80 -3.53 -5.19
CA ASP A 382 -11.15 -3.07 -5.50
C ASP A 382 -11.35 -2.79 -7.00
N THR A 383 -10.40 -2.14 -7.65
CA THR A 383 -10.51 -1.79 -9.06
C THR A 383 -9.35 -2.38 -9.85
N LEU A 384 -9.45 -2.32 -11.17
CA LEU A 384 -8.38 -2.83 -12.03
C LEU A 384 -7.12 -2.00 -11.90
N GLY A 385 -7.27 -0.68 -11.87
CA GLY A 385 -6.09 0.19 -11.82
C GLY A 385 -5.28 -0.01 -10.55
N SER A 386 -5.95 -0.17 -9.42
CA SER A 386 -5.22 -0.42 -8.17
C SER A 386 -4.67 -1.82 -8.10
N LEU A 387 -5.36 -2.81 -8.69
CA LEU A 387 -4.82 -4.16 -8.73
C LEU A 387 -3.52 -4.21 -9.51
N GLU A 388 -3.45 -3.51 -10.63
CA GLU A 388 -2.22 -3.44 -11.39
C GLU A 388 -1.14 -2.67 -10.64
N ALA A 389 -1.55 -1.68 -9.84
CA ALA A 389 -0.56 -0.88 -9.10
C ALA A 389 0.12 -1.71 -8.02
N LEU A 390 -0.65 -2.34 -7.14
CA LEU A 390 -0.06 -3.16 -6.08
C LEU A 390 0.66 -4.38 -6.64
N SER A 391 0.13 -4.97 -7.73
CA SER A 391 0.78 -6.15 -8.29
C SER A 391 2.15 -5.82 -8.88
N LYS A 392 2.36 -4.59 -9.32
CA LYS A 392 3.67 -4.18 -9.81
C LYS A 392 4.52 -3.53 -8.73
N GLU A 393 3.91 -2.97 -7.69
CA GLU A 393 4.68 -2.54 -6.52
C GLU A 393 5.35 -3.73 -5.85
N LEU A 394 4.70 -4.89 -5.87
CA LEU A 394 5.33 -6.10 -5.37
C LEU A 394 6.41 -6.60 -6.33
N GLN A 395 6.23 -6.37 -7.64
CA GLN A 395 7.27 -6.74 -8.59
C GLN A 395 8.50 -5.85 -8.47
N GLU A 396 8.32 -4.61 -7.99
CA GLU A 396 9.46 -3.76 -7.71
C GLU A 396 10.34 -4.37 -6.63
N LYS A 397 9.73 -4.87 -5.56
CA LYS A 397 10.45 -5.53 -4.48
C LYS A 397 10.61 -7.03 -4.75
N GLU A 398 10.36 -7.47 -5.98
CA GLU A 398 10.67 -8.84 -6.42
C GLU A 398 9.97 -9.90 -5.56
N ILE A 399 8.71 -9.67 -5.28
CA ILE A 399 7.88 -10.64 -4.56
C ILE A 399 7.03 -11.38 -5.60
N PRO A 400 7.11 -12.70 -5.66
CA PRO A 400 6.30 -13.45 -6.64
C PRO A 400 4.82 -13.41 -6.29
N ILE A 401 3.99 -13.62 -7.30
CA ILE A 401 2.54 -13.52 -7.19
C ILE A 401 1.91 -14.76 -7.79
N ARG A 402 1.08 -15.45 -7.02
CA ARG A 402 0.37 -16.61 -7.57
C ARG A 402 -0.93 -16.19 -8.25
N LYS A 403 -1.59 -15.15 -7.75
CA LYS A 403 -2.85 -14.71 -8.33
C LYS A 403 -3.09 -13.25 -7.97
N ALA A 404 -3.58 -12.49 -8.94
CA ALA A 404 -4.08 -11.14 -8.72
C ALA A 404 -5.45 -11.04 -9.36
N ASP A 405 -6.46 -10.69 -8.57
CA ASP A 405 -7.83 -10.70 -9.03
C ASP A 405 -8.60 -9.59 -8.32
N VAL A 406 -9.57 -9.01 -9.02
CA VAL A 406 -10.43 -7.99 -8.44
C VAL A 406 -11.61 -8.66 -7.75
N GLY A 407 -11.83 -8.32 -6.50
CA GLY A 407 -12.92 -8.88 -5.74
C GLY A 407 -12.57 -8.98 -4.28
N ASN A 408 -13.57 -9.35 -3.48
CA ASN A 408 -13.37 -9.52 -2.05
C ASN A 408 -12.71 -10.85 -1.76
N VAL A 409 -11.96 -10.89 -0.65
CA VAL A 409 -11.19 -12.07 -0.27
C VAL A 409 -12.15 -13.21 0.04
N SER A 410 -12.24 -14.18 -0.86
CA SER A 410 -13.18 -15.27 -0.72
C SER A 410 -12.55 -16.42 0.07
N LYS A 411 -13.35 -17.48 0.27
CA LYS A 411 -12.86 -18.66 0.97
C LYS A 411 -11.81 -19.40 0.14
N THR A 412 -12.02 -19.52 -1.16
CA THR A 412 -11.11 -20.27 -2.01
C THR A 412 -9.78 -19.56 -2.24
N ASP A 413 -9.67 -18.27 -1.89
CA ASP A 413 -8.36 -17.64 -1.86
C ASP A 413 -7.54 -18.18 -0.69
N VAL A 414 -8.18 -18.29 0.47
CA VAL A 414 -7.50 -18.78 1.67
C VAL A 414 -6.98 -20.19 1.44
N MET A 415 -7.76 -21.02 0.75
CA MET A 415 -7.31 -22.38 0.45
C MET A 415 -6.13 -22.40 -0.51
N GLU A 416 -6.08 -21.45 -1.45
CA GLU A 416 -4.92 -21.39 -2.35
C GLU A 416 -3.68 -20.91 -1.62
N ALA A 417 -3.83 -19.88 -0.77
CA ALA A 417 -2.72 -19.46 0.08
C ALA A 417 -2.33 -20.56 1.07
N LEU A 418 -3.22 -21.50 1.34
CA LEU A 418 -2.87 -22.64 2.17
C LEU A 418 -1.89 -23.57 1.46
N SER A 419 -2.11 -23.80 0.16
CA SER A 419 -1.19 -24.63 -0.60
C SER A 419 0.15 -23.94 -0.79
N VAL A 420 0.16 -22.61 -0.88
CA VAL A 420 1.42 -21.88 -0.93
C VAL A 420 2.12 -21.93 0.42
N LYS A 421 1.36 -21.92 1.51
CA LYS A 421 1.95 -21.99 2.84
C LYS A 421 2.67 -23.31 3.05
N GLU A 422 2.12 -24.41 2.52
CA GLU A 422 2.74 -25.72 2.66
C GLU A 422 4.06 -25.80 1.90
N GLU A 423 4.16 -25.11 0.76
CA GLU A 423 5.42 -25.06 0.03
C GLU A 423 6.40 -24.11 0.69
N GLU A 424 6.17 -22.81 0.54
CA GLU A 424 7.00 -21.78 1.16
C GLU A 424 6.15 -20.96 2.11
N PRO A 425 6.33 -21.08 3.42
CA PRO A 425 5.50 -20.30 4.36
C PRO A 425 5.67 -18.80 4.21
N LYS A 426 6.72 -18.33 3.53
CA LYS A 426 6.93 -16.90 3.38
C LYS A 426 5.90 -16.27 2.45
N TYR A 427 5.36 -17.05 1.51
CA TYR A 427 4.47 -16.54 0.49
C TYR A 427 3.04 -17.04 0.61
N GLY A 428 2.74 -17.87 1.61
CA GLY A 428 1.38 -18.31 1.84
C GLY A 428 0.54 -17.27 2.54
N VAL A 429 0.46 -16.07 1.96
CA VAL A 429 -0.25 -14.95 2.55
C VAL A 429 -1.26 -14.42 1.54
N ILE A 430 -1.96 -13.36 1.95
CA ILE A 430 -2.95 -12.69 1.13
C ILE A 430 -2.83 -11.20 1.36
N LEU A 431 -2.89 -10.42 0.28
CA LEU A 431 -2.77 -8.97 0.33
C LEU A 431 -4.00 -8.36 -0.32
N GLY A 432 -4.91 -7.82 0.49
CA GLY A 432 -6.12 -7.21 -0.01
C GLY A 432 -6.11 -5.70 0.10
N PHE A 433 -6.29 -5.02 -1.03
CA PHE A 433 -6.25 -3.56 -1.09
C PHE A 433 -7.67 -3.02 -1.22
N ASN A 434 -8.10 -2.25 -0.22
CA ASN A 434 -9.44 -1.64 -0.20
C ASN A 434 -10.52 -2.69 -0.40
N VAL A 435 -10.35 -3.85 0.23
CA VAL A 435 -11.22 -5.00 0.05
C VAL A 435 -11.62 -5.53 1.41
N LYS A 436 -12.90 -5.86 1.58
CA LYS A 436 -13.40 -6.49 2.79
C LYS A 436 -13.26 -8.01 2.67
N VAL A 437 -12.73 -8.63 3.72
CA VAL A 437 -12.56 -10.07 3.76
C VAL A 437 -13.91 -10.72 4.06
N ASN A 438 -14.22 -11.80 3.35
CA ASN A 438 -15.51 -12.46 3.49
C ASN A 438 -15.68 -13.01 4.91
N GLU A 439 -16.94 -13.12 5.32
CA GLU A 439 -17.25 -13.71 6.62
C GLU A 439 -16.87 -15.18 6.65
N ASP A 440 -17.24 -15.92 5.60
CA ASP A 440 -16.93 -17.34 5.51
C ASP A 440 -15.46 -17.61 5.27
N ALA A 441 -14.65 -16.58 5.04
CA ALA A 441 -13.23 -16.75 4.81
C ALA A 441 -12.36 -16.35 6.00
N GLU A 442 -12.87 -15.51 6.89
CA GLU A 442 -12.07 -15.07 8.04
C GLU A 442 -11.85 -16.21 9.04
N GLU A 443 -12.83 -17.09 9.20
CA GLU A 443 -12.65 -18.25 10.07
C GLU A 443 -11.70 -19.26 9.45
N VAL A 444 -11.69 -19.37 8.11
CA VAL A 444 -10.77 -20.26 7.44
C VAL A 444 -9.34 -19.73 7.53
N ALA A 445 -9.17 -18.40 7.57
CA ALA A 445 -7.85 -17.81 7.68
C ALA A 445 -7.22 -18.01 9.05
N LYS A 446 -8.01 -18.16 10.11
CA LYS A 446 -7.48 -18.44 11.43
C LYS A 446 -7.40 -19.92 11.74
N ALA A 447 -8.24 -20.75 11.10
CA ALA A 447 -8.18 -22.19 11.31
C ALA A 447 -7.03 -22.84 10.55
N LYS A 448 -6.46 -22.17 9.55
CA LYS A 448 -5.33 -22.69 8.81
C LYS A 448 -4.10 -21.79 8.93
N ASP A 449 -4.15 -20.75 9.77
CA ASP A 449 -3.04 -19.83 10.00
C ASP A 449 -2.54 -19.21 8.69
N VAL A 450 -3.48 -18.60 7.96
CA VAL A 450 -3.18 -17.86 6.74
C VAL A 450 -3.26 -16.38 7.07
N LYS A 451 -2.15 -15.66 6.86
CA LYS A 451 -2.08 -14.25 7.22
C LYS A 451 -2.80 -13.40 6.19
N ILE A 452 -3.73 -12.57 6.66
CA ILE A 452 -4.47 -11.65 5.81
C ILE A 452 -4.02 -10.23 6.14
N PHE A 453 -3.80 -9.43 5.09
CA PHE A 453 -3.38 -8.04 5.23
C PHE A 453 -4.42 -7.16 4.57
N VAL A 454 -5.10 -6.34 5.39
CA VAL A 454 -6.12 -5.41 4.91
C VAL A 454 -5.59 -3.99 5.09
N GLY A 455 -5.63 -3.22 4.01
CA GLY A 455 -5.16 -1.84 4.05
C GLY A 455 -5.84 -1.01 2.98
N ASN A 456 -5.65 0.31 3.10
CA ASN A 456 -6.22 1.26 2.15
C ASN A 456 -5.18 1.94 1.28
N VAL A 457 -3.90 1.80 1.60
CA VAL A 457 -2.82 2.38 0.82
C VAL A 457 -1.82 1.29 0.48
N ILE A 458 -1.08 1.51 -0.60
CA ILE A 458 -0.24 0.45 -1.15
C ILE A 458 1.07 0.31 -0.38
N TYR A 459 1.72 1.43 -0.03
CA TYR A 459 3.03 1.34 0.59
C TYR A 459 2.98 0.65 1.95
N LYS A 460 1.92 0.92 2.72
CA LYS A 460 1.83 0.33 4.07
C LYS A 460 1.47 -1.14 4.01
N LEU A 461 0.70 -1.57 3.01
CA LEU A 461 0.33 -2.97 2.90
C LEU A 461 1.53 -3.84 2.54
N ILE A 462 2.51 -3.28 1.83
CA ILE A 462 3.75 -4.00 1.57
C ILE A 462 4.64 -4.00 2.81
N GLU A 463 4.70 -2.86 3.50
CA GLU A 463 5.51 -2.76 4.71
C GLU A 463 4.98 -3.68 5.81
N ASP A 464 3.66 -3.74 5.97
CA ASP A 464 3.07 -4.63 6.96
C ASP A 464 3.35 -6.09 6.64
N TYR A 465 3.35 -6.43 5.35
CA TYR A 465 3.72 -7.79 4.95
C TYR A 465 5.19 -8.05 5.23
N GLU A 466 6.05 -7.08 4.91
CA GLU A 466 7.49 -7.27 5.12
C GLU A 466 7.84 -7.27 6.60
N GLU A 467 7.14 -6.47 7.41
CA GLU A 467 7.31 -6.56 8.86
C GLU A 467 6.93 -7.94 9.37
N TRP A 468 5.91 -8.55 8.76
CA TRP A 468 5.53 -9.91 9.12
C TRP A 468 6.60 -10.92 8.74
N VAL A 469 7.33 -10.66 7.64
CA VAL A 469 8.42 -11.54 7.26
C VAL A 469 9.53 -11.52 8.30
N LYS A 470 9.90 -10.33 8.78
CA LYS A 470 10.92 -10.23 9.82
C LYS A 470 10.48 -10.92 11.10
N GLU A 471 9.22 -10.78 11.47
CA GLU A 471 8.69 -11.47 12.64
C GLU A 471 8.81 -12.98 12.47
N GLU A 472 8.40 -13.49 11.31
CA GLU A 472 8.36 -14.94 11.11
C GLU A 472 9.76 -15.53 10.99
N GLU A 473 10.68 -14.82 10.33
CA GLU A 473 12.04 -15.34 10.21
C GLU A 473 12.72 -15.39 11.57
N GLU A 474 12.52 -14.37 12.40
CA GLU A 474 13.12 -14.36 13.72
C GLU A 474 12.43 -15.34 14.66
N LYS A 475 11.16 -15.66 14.42
CA LYS A 475 10.52 -16.76 15.14
C LYS A 475 11.11 -18.10 14.73
N LYS A 476 11.46 -18.24 13.44
CA LYS A 476 12.09 -19.47 12.97
C LYS A 476 13.41 -19.72 13.67
N LYS A 477 14.19 -18.67 13.92
CA LYS A 477 15.42 -18.81 14.67
C LYS A 477 15.13 -19.16 16.13
N ARG A 478 14.12 -18.50 16.72
CA ARG A 478 13.78 -18.78 18.12
C ARG A 478 13.35 -20.22 18.31
N GLU A 479 12.54 -20.75 17.40
CA GLU A 479 12.08 -22.13 17.52
C GLU A 479 13.24 -23.12 17.33
N LEU A 480 14.23 -22.76 16.50
CA LEU A 480 15.35 -23.67 16.27
C LEU A 480 16.22 -23.79 17.52
N LEU A 481 16.55 -22.64 18.14
CA LEU A 481 17.35 -22.68 19.37
C LEU A 481 16.62 -23.45 20.47
N SER A 482 15.29 -23.33 20.51
CA SER A 482 14.52 -24.02 21.53
C SER A 482 14.44 -25.53 21.28
N LYS A 483 14.57 -25.96 20.03
CA LYS A 483 14.48 -27.38 19.70
C LYS A 483 15.83 -28.09 19.76
N VAL A 484 16.94 -27.37 19.64
CA VAL A 484 18.25 -28.01 19.69
C VAL A 484 18.66 -28.23 21.14
N THR A 485 19.48 -29.25 21.35
CA THR A 485 20.06 -29.52 22.66
C THR A 485 21.49 -28.98 22.67
N PHE A 486 21.79 -28.14 23.65
CA PHE A 486 23.10 -27.54 23.79
C PHE A 486 24.01 -28.43 24.62
N PRO A 487 25.32 -28.32 24.46
CA PRO A 487 26.23 -29.19 25.19
C PRO A 487 26.50 -28.67 26.59
N GLY A 488 26.72 -29.62 27.51
CA GLY A 488 27.00 -29.29 28.90
C GLY A 488 27.57 -30.45 29.68
N VAL A 489 28.52 -30.17 30.56
CA VAL A 489 29.13 -31.18 31.42
C VAL A 489 28.87 -30.78 32.88
N ILE A 490 28.50 -31.76 33.70
CA ILE A 490 28.27 -31.54 35.12
C ILE A 490 29.04 -32.57 35.92
N ARG A 491 29.11 -32.33 37.23
CA ARG A 491 29.77 -33.24 38.16
C ARG A 491 28.95 -33.30 39.43
N LEU A 492 28.65 -34.51 39.90
CA LEU A 492 27.93 -34.65 41.15
C LEU A 492 28.85 -34.36 42.33
N TYR A 493 28.28 -33.78 43.38
CA TYR A 493 29.06 -33.55 44.58
C TYR A 493 29.36 -34.88 45.26
N PRO A 494 30.50 -34.96 45.98
CA PRO A 494 30.93 -36.26 46.52
C PRO A 494 30.31 -36.59 47.87
N ASP A 495 29.94 -35.55 48.62
CA ASP A 495 29.32 -35.76 49.93
C ASP A 495 27.96 -36.40 49.79
N GLU A 496 27.61 -37.22 50.78
CA GLU A 496 26.22 -37.65 50.93
C GLU A 496 25.32 -36.51 51.36
N ARG A 497 25.90 -35.34 51.67
CA ARG A 497 25.15 -34.18 52.12
C ARG A 497 24.41 -33.48 50.99
N TYR A 498 24.84 -33.68 49.74
CA TYR A 498 24.20 -33.09 48.59
C TYR A 498 23.21 -34.03 47.92
N VAL A 499 22.91 -35.15 48.54
CA VAL A 499 21.90 -36.09 48.05
C VAL A 499 20.59 -35.76 48.77
N PHE A 500 19.63 -35.22 48.03
CA PHE A 500 18.36 -34.79 48.61
C PHE A 500 17.23 -35.79 48.38
N ARG A 501 17.31 -36.60 47.33
CA ARG A 501 16.33 -37.64 47.09
C ARG A 501 17.00 -38.74 46.27
N ARG A 502 16.86 -39.98 46.71
CA ARG A 502 17.58 -41.09 46.10
C ARG A 502 16.81 -41.78 44.98
N SER A 503 15.51 -41.52 44.84
CA SER A 503 14.74 -42.14 43.76
C SER A 503 13.42 -41.40 43.58
N ASN A 504 12.91 -41.47 42.35
CA ASN A 504 11.57 -41.01 42.00
C ASN A 504 11.24 -39.60 42.47
N PRO A 505 11.92 -38.57 41.94
CA PRO A 505 13.13 -38.62 41.11
C PRO A 505 14.38 -38.43 41.97
N ALA A 506 15.54 -38.75 41.44
CA ALA A 506 16.78 -38.46 42.15
C ALA A 506 17.07 -36.96 42.09
N ILE A 507 17.26 -36.35 43.25
CA ILE A 507 17.57 -34.93 43.36
C ILE A 507 18.95 -34.81 44.01
N VAL A 508 19.93 -34.35 43.25
CA VAL A 508 21.32 -34.34 43.68
C VAL A 508 21.94 -32.97 43.40
N GLY A 509 22.75 -32.50 44.33
CA GLY A 509 23.47 -31.26 44.12
C GLY A 509 24.63 -31.47 43.15
N ILE A 510 24.70 -30.64 42.12
CA ILE A 510 25.71 -30.78 41.07
C ILE A 510 26.41 -29.45 40.89
N GLU A 511 27.54 -29.51 40.18
CA GLU A 511 28.18 -28.32 39.63
C GLU A 511 28.37 -28.56 38.14
N VAL A 512 27.95 -27.59 37.33
CA VAL A 512 28.09 -27.72 35.89
C VAL A 512 29.53 -27.40 35.51
N ILE A 513 30.23 -28.40 34.96
CA ILE A 513 31.66 -28.25 34.65
C ILE A 513 31.86 -27.31 33.48
N GLU A 514 31.11 -27.52 32.40
CA GLU A 514 31.29 -26.76 31.17
C GLU A 514 29.97 -26.74 30.40
N GLY A 515 29.84 -25.74 29.52
CA GLY A 515 28.64 -25.59 28.72
C GLY A 515 27.44 -25.14 29.53
N ARG A 516 26.29 -25.76 29.29
CA ARG A 516 25.06 -25.39 29.99
C ARG A 516 24.12 -26.59 30.05
N ILE A 517 23.25 -26.57 31.06
CA ILE A 517 22.32 -27.64 31.33
C ILE A 517 20.91 -27.07 31.29
N LYS A 518 19.94 -27.92 30.94
CA LYS A 518 18.56 -27.48 30.75
C LYS A 518 17.64 -28.67 30.97
N PRO A 519 16.39 -28.43 31.40
CA PRO A 519 15.46 -29.54 31.68
C PRO A 519 15.01 -30.23 30.40
N GLY A 520 14.49 -31.45 30.57
CA GLY A 520 14.15 -32.31 29.46
C GLY A 520 15.33 -32.93 28.75
N VAL A 521 16.54 -32.61 29.16
CA VAL A 521 17.76 -33.13 28.56
C VAL A 521 18.13 -34.45 29.24
N THR A 522 18.50 -35.43 28.45
CA THR A 522 18.96 -36.72 28.98
C THR A 522 20.45 -36.68 29.27
N LEU A 523 20.87 -37.49 30.25
CA LEU A 523 22.25 -37.51 30.71
C LEU A 523 22.86 -38.90 30.50
N ILE A 524 24.18 -38.92 30.31
CA ILE A 524 24.93 -40.16 30.11
C ILE A 524 26.14 -40.18 31.03
N LYS A 525 26.69 -41.38 31.22
CA LYS A 525 27.87 -41.57 32.05
C LYS A 525 29.13 -41.38 31.21
N GLN A 526 30.28 -41.71 31.78
CA GLN A 526 31.53 -41.67 31.03
C GLN A 526 31.61 -42.78 29.99
N ASN A 527 30.84 -43.85 30.17
CA ASN A 527 30.77 -44.95 29.22
C ASN A 527 29.61 -44.81 28.24
N GLY A 528 28.92 -43.67 28.25
CA GLY A 528 27.86 -43.42 27.29
C GLY A 528 26.56 -44.16 27.53
N GLN A 529 26.18 -44.32 28.80
CA GLN A 529 24.93 -44.99 29.17
C GLN A 529 23.94 -43.96 29.69
N LYS A 530 22.73 -43.97 29.11
CA LYS A 530 21.66 -43.10 29.58
C LYS A 530 21.31 -43.42 31.02
N VAL A 531 21.26 -42.40 31.88
CA VAL A 531 20.95 -42.62 33.28
C VAL A 531 19.56 -42.08 33.59
N GLY A 532 19.16 -41.03 32.89
CA GLY A 532 17.83 -40.49 33.09
C GLY A 532 17.67 -39.14 32.40
N VAL A 533 16.50 -38.57 32.62
CA VAL A 533 16.12 -37.27 32.04
C VAL A 533 16.02 -36.26 33.16
N ILE A 534 16.43 -35.03 32.88
CA ILE A 534 16.46 -33.96 33.88
C ILE A 534 15.06 -33.40 34.04
N ARG A 535 14.46 -33.58 35.22
CA ARG A 535 13.12 -33.08 35.47
C ARG A 535 13.13 -31.57 35.65
N SER A 536 13.97 -31.06 36.55
CA SER A 536 13.98 -29.64 36.86
C SER A 536 15.32 -29.24 37.42
N ILE A 537 15.63 -27.94 37.29
CA ILE A 537 16.85 -27.35 37.82
C ILE A 537 16.46 -26.36 38.91
N LYS A 538 17.12 -26.48 40.06
CA LYS A 538 16.73 -25.75 41.26
C LYS A 538 17.96 -25.19 41.95
N SER A 539 17.95 -23.88 42.21
CA SER A 539 18.97 -23.19 42.99
C SER A 539 18.26 -22.31 44.02
N ARG A 540 18.64 -22.48 45.28
CA ARG A 540 17.89 -21.97 46.43
C ARG A 540 16.41 -22.36 46.22
N ASP A 541 15.47 -21.54 46.71
CA ASP A 541 14.06 -21.88 46.57
C ASP A 541 13.53 -21.72 45.15
N GLU A 542 14.32 -21.17 44.24
CA GLU A 542 13.88 -20.88 42.88
C GLU A 542 14.01 -22.11 41.98
N PHE A 543 13.26 -22.08 40.88
CA PHE A 543 13.37 -23.04 39.80
C PHE A 543 13.96 -22.34 38.58
N LEU A 544 14.90 -23.01 37.92
CA LEU A 544 15.61 -22.42 36.78
C LEU A 544 15.29 -23.18 35.50
N GLN A 545 15.39 -22.47 34.38
CA GLN A 545 15.21 -23.05 33.07
C GLN A 545 16.52 -23.46 32.41
N GLU A 546 17.66 -23.08 32.98
CA GLU A 546 18.97 -23.51 32.52
C GLU A 546 20.00 -23.09 33.56
N ALA A 547 21.18 -23.70 33.47
CA ALA A 547 22.29 -23.38 34.35
C ALA A 547 23.59 -23.48 33.58
N LYS A 548 24.39 -22.42 33.62
CA LYS A 548 25.65 -22.35 32.89
C LYS A 548 26.83 -22.58 33.84
N LYS A 549 28.01 -22.73 33.24
CA LYS A 549 29.23 -23.08 33.97
C LYS A 549 29.40 -22.22 35.21
N GLY A 550 29.84 -22.84 36.30
CA GLY A 550 30.09 -22.14 37.54
C GLY A 550 28.93 -22.08 38.50
N GLN A 551 27.77 -22.62 38.13
CA GLN A 551 26.59 -22.60 38.98
C GLN A 551 26.45 -23.93 39.69
N ALA A 552 26.27 -23.88 41.01
CA ALA A 552 26.07 -25.07 41.84
C ALA A 552 24.59 -25.16 42.18
N VAL A 553 23.88 -26.04 41.50
CA VAL A 553 22.43 -26.15 41.61
C VAL A 553 22.05 -27.60 41.89
N ALA A 554 20.80 -27.79 42.30
CA ALA A 554 20.24 -29.11 42.54
C ALA A 554 19.32 -29.47 41.38
N ILE A 555 19.53 -30.65 40.80
CA ILE A 555 18.78 -31.09 39.64
C ILE A 555 18.00 -32.34 40.01
N ALA A 556 16.83 -32.50 39.39
CA ALA A 556 16.02 -33.71 39.52
C ALA A 556 16.16 -34.54 38.25
N ILE A 557 16.51 -35.82 38.42
CA ILE A 557 16.77 -36.73 37.30
C ILE A 557 15.77 -37.86 37.37
N GLU A 558 14.84 -37.89 36.41
CA GLU A 558 13.86 -38.97 36.35
C GLU A 558 14.53 -40.29 35.98
N GLY A 559 13.95 -41.38 36.45
CA GLY A 559 14.45 -42.71 36.16
C GLY A 559 15.77 -43.08 36.80
N ALA A 560 16.48 -42.11 37.38
CA ALA A 560 17.76 -42.39 38.02
C ALA A 560 17.57 -42.61 39.52
N ILE A 561 18.39 -43.50 40.07
CA ILE A 561 18.38 -43.81 41.50
C ILE A 561 19.80 -43.70 42.01
N VAL A 562 20.00 -42.90 43.06
CA VAL A 562 21.33 -42.68 43.60
C VAL A 562 21.88 -43.97 44.18
N GLY A 563 23.14 -44.28 43.85
CA GLY A 563 23.74 -45.54 44.22
C GLY A 563 23.43 -46.69 43.29
N ARG A 564 22.34 -46.62 42.53
CA ARG A 564 22.00 -47.68 41.59
C ARG A 564 22.86 -47.59 40.33
N HIS A 565 22.73 -46.49 39.58
CA HIS A 565 23.54 -46.28 38.39
C HIS A 565 24.36 -44.99 38.40
N ILE A 566 23.96 -43.98 39.16
CA ILE A 566 24.74 -42.76 39.33
C ILE A 566 25.32 -42.74 40.73
N HIS A 567 26.45 -42.06 40.89
CA HIS A 567 27.19 -42.07 42.15
C HIS A 567 27.70 -40.68 42.47
N PRO A 568 27.74 -40.31 43.75
CA PRO A 568 28.26 -38.99 44.12
C PRO A 568 29.72 -38.85 43.72
N GLY A 569 30.05 -37.69 43.17
CA GLY A 569 31.36 -37.43 42.62
C GLY A 569 31.50 -37.71 41.14
N GLU A 570 30.61 -38.53 40.59
CA GLU A 570 30.71 -38.92 39.19
C GLU A 570 30.43 -37.74 38.27
N THR A 571 31.11 -37.74 37.12
CA THR A 571 30.90 -36.73 36.09
C THR A 571 29.88 -37.23 35.08
N LEU A 572 28.90 -36.39 34.77
CA LEU A 572 27.84 -36.73 33.82
C LEU A 572 27.83 -35.75 32.66
N TYR A 573 27.42 -36.24 31.50
CA TYR A 573 27.47 -35.49 30.24
C TYR A 573 26.09 -35.41 29.62
N VAL A 574 25.79 -34.25 29.03
CA VAL A 574 24.54 -34.07 28.30
C VAL A 574 24.57 -34.92 27.03
N ASP A 575 23.55 -35.76 26.85
CA ASP A 575 23.49 -36.63 25.68
C ASP A 575 23.09 -35.81 24.45
N LEU A 576 23.91 -35.85 23.42
CA LEU A 576 23.67 -35.14 22.18
C LEU A 576 23.50 -36.12 21.02
N SER A 577 22.86 -35.64 19.96
CA SER A 577 22.66 -36.40 18.74
C SER A 577 23.54 -35.83 17.63
N ARG A 578 23.71 -36.64 16.58
CA ARG A 578 24.41 -36.16 15.39
C ARG A 578 23.73 -34.92 14.83
N ASP A 579 22.40 -34.88 14.91
CA ASP A 579 21.65 -33.71 14.45
C ASP A 579 22.00 -32.48 15.28
N ASP A 580 22.04 -32.63 16.61
CA ASP A 580 22.37 -31.50 17.48
C ASP A 580 23.79 -31.00 17.22
N ALA A 581 24.74 -31.91 17.05
CA ALA A 581 26.13 -31.51 16.84
C ALA A 581 26.28 -30.77 15.52
N ILE A 582 25.68 -31.29 14.44
CA ILE A 582 25.79 -30.64 13.14
C ILE A 582 25.15 -29.26 13.17
N THR A 583 24.00 -29.13 13.83
CA THR A 583 23.28 -27.86 13.85
C THR A 583 24.10 -26.78 14.54
N LEU A 584 24.67 -27.10 15.71
CA LEU A 584 25.44 -26.10 16.45
C LEU A 584 26.68 -25.67 15.69
N LEU A 585 27.40 -26.61 15.10
CA LEU A 585 28.69 -26.31 14.48
C LEU A 585 28.55 -25.61 13.13
N LYS A 586 27.44 -25.82 12.43
CA LYS A 586 27.28 -25.29 11.08
C LYS A 586 26.20 -24.23 10.94
N HIS A 587 25.24 -24.14 11.86
CA HIS A 587 24.16 -23.16 11.75
C HIS A 587 24.08 -22.22 12.94
N LEU A 588 24.41 -22.68 14.15
CA LEU A 588 24.35 -21.88 15.36
C LEU A 588 25.73 -21.61 15.94
N ARG A 589 26.73 -21.49 15.06
CA ARG A 589 28.11 -21.37 15.52
C ARG A 589 28.34 -20.11 16.35
N ASP A 590 27.66 -19.02 15.99
CA ASP A 590 27.85 -17.76 16.69
C ASP A 590 27.24 -17.75 18.09
N THR A 591 26.49 -18.79 18.46
CA THR A 591 25.89 -18.87 19.79
C THR A 591 26.70 -19.71 20.76
N LEU A 592 27.79 -20.34 20.30
CA LEU A 592 28.58 -21.23 21.12
C LEU A 592 29.77 -20.48 21.70
N GLU A 593 29.79 -20.35 23.03
CA GLU A 593 30.92 -19.76 23.73
C GLU A 593 32.03 -20.79 23.90
N ASP A 594 33.18 -20.33 24.41
CA ASP A 594 34.33 -21.20 24.57
C ASP A 594 34.01 -22.39 25.47
N THR A 595 33.22 -22.18 26.52
CA THR A 595 32.79 -23.28 27.36
C THR A 595 31.86 -24.23 26.60
N ASP A 596 31.10 -23.72 25.63
CA ASP A 596 30.17 -24.56 24.90
C ASP A 596 30.91 -25.54 23.99
N ILE A 597 32.00 -25.08 23.36
CA ILE A 597 32.79 -25.98 22.51
C ILE A 597 33.46 -27.06 23.37
N LYS A 598 34.09 -26.63 24.48
CA LYS A 598 34.77 -27.59 25.35
C LYS A 598 33.80 -28.66 25.84
N ALA A 599 32.58 -28.26 26.19
CA ALA A 599 31.55 -29.23 26.53
C ALA A 599 31.27 -30.16 25.34
N LEU A 600 31.15 -29.58 24.15
CA LEU A 600 30.84 -30.38 22.96
C LEU A 600 31.95 -31.37 22.65
N LYS A 601 33.21 -30.92 22.72
CA LYS A 601 34.33 -31.82 22.46
C LYS A 601 34.44 -32.89 23.55
N MET A 602 34.14 -32.53 24.79
CA MET A 602 34.18 -33.51 25.88
C MET A 602 33.11 -34.58 25.70
N ILE A 603 31.93 -34.21 25.18
CA ILE A 603 30.90 -35.20 24.90
C ILE A 603 31.31 -36.07 23.72
N ALA A 604 31.92 -35.46 22.70
CA ALA A 604 32.29 -36.21 21.50
C ALA A 604 33.31 -37.29 21.81
N LYS A 605 34.21 -37.06 22.77
CA LYS A 605 35.16 -38.09 23.15
C LYS A 605 34.49 -39.25 23.87
N VAL A 606 33.32 -39.02 24.48
CA VAL A 606 32.56 -40.11 25.08
C VAL A 606 31.78 -40.86 24.01
N LYS A 607 31.19 -40.14 23.06
CA LYS A 607 30.36 -40.74 22.03
C LYS A 607 31.17 -41.35 20.89
N ALA A 608 32.48 -41.11 20.84
CA ALA A 608 33.30 -41.70 19.80
C ALA A 608 33.62 -43.16 20.05
N LYS A 609 33.52 -43.62 21.31
CA LYS A 609 33.80 -45.02 21.62
C LYS A 609 32.80 -45.97 20.96
N GLU A 610 31.64 -45.48 20.56
CA GLU A 610 30.62 -46.29 19.91
C GLU A 610 30.26 -45.80 18.52
N ASP A 611 30.15 -44.49 18.33
CA ASP A 611 29.85 -43.92 17.01
C ASP A 611 31.06 -43.13 16.50
N PRO A 612 31.73 -43.61 15.46
CA PRO A 612 32.91 -42.89 14.93
C PRO A 612 32.59 -41.59 14.22
N PHE A 613 31.35 -41.11 14.25
CA PHE A 613 31.07 -39.78 13.71
C PHE A 613 31.73 -38.70 14.56
N TRP A 614 31.69 -38.85 15.89
CA TRP A 614 32.19 -37.86 16.81
C TRP A 614 33.71 -37.71 16.77
N ARG A 615 34.41 -38.53 15.98
CA ARG A 615 35.84 -38.34 15.81
C ARG A 615 36.17 -37.06 15.05
N ALA A 616 35.17 -36.43 14.42
CA ALA A 616 35.29 -35.09 13.88
C ALA A 616 34.93 -34.02 14.88
N ILE A 617 34.79 -34.39 16.16
CA ILE A 617 34.44 -33.46 17.24
C ILE A 617 33.16 -32.69 16.89
#